data_4CN0
#
_entry.id   4CN0
#
_cell.length_a   81.730
_cell.length_b   81.730
_cell.length_c   65.310
_cell.angle_alpha   90.00
_cell.angle_beta   90.00
_cell.angle_gamma   120.00
#
_symmetry.space_group_name_H-M   'P 31 2 1'
#
loop_
_entity.id
_entity.type
_entity.pdbx_description
1 polymer 'PROTEIN AHNAK2'
2 non-polymer 'TETRAETHYLENE GLYCOL'
3 non-polymer 'POTASSIUM ION'
4 water water
#
_entity_poly.entity_id   1
_entity_poly.type   'polypeptide(L)'
_entity_poly.pdbx_seq_one_letter_code
;GQEATEVTLKTEVEAGASGYSVTGGGDQGIFVKQVLKDSSAAKLFNLREGDQLLSTTVFFENIKYEDALKILQYSEPYKV
QFKIRRQLPAPQDEEWA
;
_entity_poly.pdbx_strand_id   A,B
#
# COMPACT_ATOMS: atom_id res chain seq x y z
N GLU A 3 -10.47 -18.05 13.98
CA GLU A 3 -9.99 -17.61 12.68
C GLU A 3 -11.11 -17.61 11.64
N ALA A 4 -12.35 -17.52 12.11
CA ALA A 4 -13.50 -17.67 11.22
C ALA A 4 -14.81 -17.20 11.90
N THR A 5 -15.83 -16.88 11.10
CA THR A 5 -15.69 -16.78 9.65
C THR A 5 -14.97 -15.47 9.36
N GLU A 6 -14.07 -15.53 8.38
CA GLU A 6 -13.09 -14.46 8.15
C GLU A 6 -12.80 -14.40 6.67
N VAL A 7 -12.80 -13.20 6.10
CA VAL A 7 -12.51 -13.07 4.67
C VAL A 7 -11.32 -12.14 4.46
N THR A 8 -10.46 -12.52 3.53
CA THR A 8 -9.34 -11.69 3.11
C THR A 8 -9.57 -11.30 1.66
N LEU A 9 -9.70 -9.99 1.40
CA LEU A 9 -10.05 -9.52 0.07
C LEU A 9 -9.25 -8.29 -0.33
N LYS A 10 -9.25 -7.98 -1.63
CA LYS A 10 -8.74 -6.70 -2.09
C LYS A 10 -9.89 -5.81 -2.51
N THR A 11 -9.80 -4.52 -2.20
CA THR A 11 -10.75 -3.54 -2.69
C THR A 11 -10.58 -3.35 -4.17
N GLU A 12 -11.51 -2.62 -4.79
CA GLU A 12 -11.29 -2.12 -6.14
C GLU A 12 -10.15 -1.12 -6.08
N VAL A 13 -9.59 -0.80 -7.25
CA VAL A 13 -8.68 0.32 -7.34
C VAL A 13 -9.51 1.58 -7.49
N GLU A 14 -9.42 2.46 -6.51
CA GLU A 14 -10.19 3.70 -6.48
C GLU A 14 -9.30 4.79 -5.95
N ALA A 15 -9.70 6.04 -6.19
CA ALA A 15 -8.93 7.18 -5.74
C ALA A 15 -9.59 7.88 -4.56
N GLY A 16 -8.80 8.59 -3.78
CA GLY A 16 -9.36 9.49 -2.80
C GLY A 16 -9.89 8.83 -1.55
N ALA A 17 -9.23 7.80 -1.04
CA ALA A 17 -9.64 7.15 0.22
C ALA A 17 -9.52 8.12 1.38
N SER A 18 -10.64 8.46 2.00
CA SER A 18 -10.65 9.38 3.13
CA SER A 18 -10.67 9.41 3.10
C SER A 18 -11.93 9.23 3.96
N GLY A 19 -11.97 9.89 5.11
CA GLY A 19 -13.12 9.81 6.01
C GLY A 19 -13.14 8.56 6.86
N TYR A 20 -11.94 8.08 7.23
CA TYR A 20 -11.81 6.92 8.09
C TYR A 20 -10.59 7.11 8.98
N SER A 21 -10.59 6.41 10.11
CA SER A 21 -9.50 6.44 11.05
C SER A 21 -8.96 5.04 11.21
N VAL A 22 -7.73 4.95 11.70
CA VAL A 22 -7.09 3.68 11.94
C VAL A 22 -6.55 3.64 13.36
N THR A 23 -6.31 2.42 13.84
CA THR A 23 -5.75 2.21 15.14
C THR A 23 -4.85 0.98 15.09
N GLY A 24 -4.10 0.74 16.17
CA GLY A 24 -3.27 -0.43 16.27
C GLY A 24 -1.83 -0.10 15.96
N GLY A 25 -1.19 -0.99 15.21
CA GLY A 25 0.16 -0.75 14.76
C GLY A 25 1.20 -1.23 15.75
N GLY A 26 2.46 -0.98 15.40
CA GLY A 26 3.57 -1.44 16.20
C GLY A 26 3.57 -2.95 16.28
N ASP A 27 3.33 -3.47 17.48
CA ASP A 27 3.29 -4.92 17.66
C ASP A 27 1.96 -5.50 17.20
N GLN A 28 0.98 -4.64 16.92
CA GLN A 28 -0.31 -5.07 16.38
C GLN A 28 -0.49 -4.66 14.92
N GLY A 29 -1.47 -5.30 14.28
CA GLY A 29 -1.85 -4.94 12.93
C GLY A 29 -2.49 -3.57 12.88
N ILE A 30 -2.72 -3.08 11.67
CA ILE A 30 -3.40 -1.80 11.48
C ILE A 30 -4.87 -2.07 11.20
N PHE A 31 -5.75 -1.45 11.97
CA PHE A 31 -7.19 -1.67 11.86
C PHE A 31 -7.96 -0.37 11.62
N VAL A 32 -9.00 -0.47 10.80
CA VAL A 32 -9.96 0.62 10.64
C VAL A 32 -10.75 0.77 11.95
N LYS A 33 -10.73 1.97 12.51
CA LYS A 33 -11.39 2.27 13.76
C LYS A 33 -12.80 2.80 13.53
N GLN A 34 -12.90 3.91 12.81
CA GLN A 34 -14.19 4.46 12.39
C GLN A 34 -14.23 4.80 10.91
N VAL A 35 -15.45 4.84 10.38
CA VAL A 35 -15.70 5.23 8.98
C VAL A 35 -16.89 6.15 8.95
N LEU A 36 -16.72 7.34 8.39
CA LEU A 36 -17.83 8.28 8.18
C LEU A 36 -18.79 7.76 7.14
N LYS A 37 -20.07 7.85 7.45
CA LYS A 37 -21.11 7.25 6.62
C LYS A 37 -21.02 7.71 5.16
N ASP A 38 -20.80 8.99 4.92
CA ASP A 38 -20.90 9.45 3.52
C ASP A 38 -19.54 9.50 2.81
N SER A 39 -18.56 8.80 3.37
CA SER A 39 -17.17 8.94 2.93
C SER A 39 -16.83 8.04 1.75
N SER A 40 -15.73 8.36 1.06
CA SER A 40 -15.26 7.51 0.00
C SER A 40 -14.85 6.16 0.57
N ALA A 41 -14.33 6.20 1.78
CA ALA A 41 -13.94 4.97 2.48
C ALA A 41 -15.11 4.00 2.52
N ALA A 42 -16.28 4.51 2.88
CA ALA A 42 -17.50 3.70 2.97
C ALA A 42 -18.05 3.35 1.59
N LYS A 43 -18.24 4.38 0.76
CA LYS A 43 -18.99 4.23 -0.48
C LYS A 43 -18.19 3.58 -1.62
N LEU A 44 -16.89 3.81 -1.69
CA LEU A 44 -16.06 3.28 -2.80
C LEU A 44 -15.19 2.10 -2.41
N PHE A 45 -14.67 2.11 -1.18
CA PHE A 45 -13.77 1.06 -0.74
C PHE A 45 -14.45 0.02 0.17
N ASN A 46 -15.64 0.35 0.67
CA ASN A 46 -16.35 -0.49 1.63
C ASN A 46 -15.45 -0.89 2.78
N LEU A 47 -14.69 0.07 3.29
CA LEU A 47 -13.97 -0.14 4.54
C LEU A 47 -15.00 -0.16 5.66
N ARG A 48 -14.80 -1.06 6.62
CA ARG A 48 -15.70 -1.20 7.75
C ARG A 48 -14.93 -1.18 9.06
N GLU A 49 -15.57 -0.66 10.11
CA GLU A 49 -15.01 -0.73 11.46
C GLU A 49 -14.51 -2.13 11.74
N GLY A 50 -13.26 -2.22 12.20
CA GLY A 50 -12.69 -3.49 12.55
C GLY A 50 -11.89 -4.19 11.48
N ASP A 51 -12.02 -3.75 10.23
CA ASP A 51 -11.21 -4.29 9.14
C ASP A 51 -9.73 -4.15 9.44
N GLN A 52 -8.95 -5.20 9.19
CA GLN A 52 -7.49 -5.08 9.23
C GLN A 52 -6.98 -4.72 7.86
N LEU A 53 -6.22 -3.63 7.77
CA LEU A 53 -5.54 -3.26 6.54
C LEU A 53 -4.23 -4.05 6.49
N LEU A 54 -4.22 -5.10 5.69
CA LEU A 54 -3.02 -5.92 5.55
C LEU A 54 -1.96 -5.20 4.72
N SER A 55 -2.40 -4.49 3.69
CA SER A 55 -1.52 -3.76 2.83
C SER A 55 -2.26 -2.66 2.08
N THR A 56 -1.50 -1.70 1.58
CA THR A 56 -2.02 -0.72 0.64
C THR A 56 -1.09 -0.66 -0.54
N THR A 57 -1.68 -0.64 -1.73
CA THR A 57 -0.95 -0.44 -2.96
C THR A 57 -1.28 0.95 -3.46
N VAL A 58 -0.26 1.77 -3.65
CA VAL A 58 -0.42 3.13 -4.15
C VAL A 58 0.07 3.17 -5.58
N PHE A 59 -0.79 3.65 -6.48
CA PHE A 59 -0.42 3.74 -7.89
C PHE A 59 0.18 5.10 -8.19
N PHE A 60 1.40 5.09 -8.75
CA PHE A 60 2.15 6.32 -8.98
C PHE A 60 1.73 6.92 -10.33
N GLU A 61 0.47 7.30 -10.39
CA GLU A 61 -0.16 7.85 -11.58
C GLU A 61 -0.69 9.23 -11.24
N ASN A 62 -0.23 10.23 -12.00
CA ASN A 62 -0.57 11.62 -11.71
C ASN A 62 -0.28 11.97 -10.24
N ILE A 63 0.86 11.51 -9.74
CA ILE A 63 1.20 11.69 -8.33
C ILE A 63 2.26 12.76 -8.22
N LYS A 64 2.07 13.68 -7.28
CA LYS A 64 3.10 14.69 -6.98
C LYS A 64 4.36 14.00 -6.53
N TYR A 65 5.49 14.47 -7.06
CA TYR A 65 6.78 13.90 -6.70
C TYR A 65 6.95 13.85 -5.18
N GLU A 66 6.63 14.95 -4.52
CA GLU A 66 6.83 15.06 -3.09
C GLU A 66 6.00 14.03 -2.29
N ASP A 67 4.80 13.75 -2.79
CA ASP A 67 3.91 12.78 -2.17
C ASP A 67 4.45 11.36 -2.38
N ALA A 68 4.90 11.05 -3.59
CA ALA A 68 5.50 9.76 -3.88
C ALA A 68 6.73 9.56 -3.00
N LEU A 69 7.52 10.61 -2.86
CA LEU A 69 8.75 10.55 -2.11
C LEU A 69 8.46 10.23 -0.63
N LYS A 70 7.47 10.89 -0.07
CA LYS A 70 7.12 10.72 1.33
C LYS A 70 6.56 9.31 1.57
N ILE A 71 5.85 8.78 0.58
CA ILE A 71 5.35 7.41 0.71
C ILE A 71 6.53 6.43 0.75
N LEU A 72 7.52 6.63 -0.11
CA LEU A 72 8.71 5.79 -0.11
C LEU A 72 9.49 5.92 1.20
N GLN A 73 9.60 7.15 1.69
CA GLN A 73 10.35 7.41 2.91
C GLN A 73 9.70 6.76 4.14
N TYR A 74 8.39 6.92 4.29
CA TYR A 74 7.69 6.37 5.45
C TYR A 74 7.56 4.86 5.39
N SER A 75 7.56 4.29 4.18
CA SER A 75 7.49 2.83 4.03
C SER A 75 8.86 2.15 4.09
N GLU A 76 9.93 2.95 4.11
CA GLU A 76 11.28 2.43 3.90
C GLU A 76 11.64 1.26 4.82
N PRO A 77 11.34 1.37 6.14
CA PRO A 77 11.76 0.28 7.04
C PRO A 77 10.99 -1.04 6.87
N TYR A 78 9.89 -1.03 6.12
CA TYR A 78 8.95 -2.15 6.16
C TYR A 78 8.95 -2.96 4.87
N LYS A 79 8.19 -4.06 4.86
CA LYS A 79 8.10 -4.91 3.67
C LYS A 79 7.34 -4.15 2.58
N VAL A 80 7.92 -4.13 1.38
CA VAL A 80 7.24 -3.51 0.24
C VAL A 80 7.43 -4.36 -1.01
N GLN A 81 6.64 -4.05 -2.02
CA GLN A 81 6.76 -4.68 -3.33
C GLN A 81 6.46 -3.63 -4.39
N PHE A 82 7.36 -3.52 -5.36
CA PHE A 82 7.20 -2.56 -6.44
C PHE A 82 6.71 -3.28 -7.70
N LYS A 83 5.79 -2.63 -8.41
CA LYS A 83 5.51 -2.99 -9.80
C LYS A 83 6.21 -2.01 -10.69
N ILE A 84 7.05 -2.52 -11.60
CA ILE A 84 7.90 -1.65 -12.41
C ILE A 84 7.67 -1.88 -13.90
N ARG A 85 7.92 -0.85 -14.68
CA ARG A 85 7.92 -0.94 -16.12
C ARG A 85 9.33 -0.64 -16.59
N ARG A 86 9.90 -1.58 -17.34
CA ARG A 86 11.29 -1.53 -17.74
C ARG A 86 11.41 -1.59 -19.26
N GLN A 87 12.14 -0.65 -19.84
CA GLN A 87 12.37 -0.62 -21.29
C GLN A 87 13.40 -1.67 -21.67
N LEU A 88 13.10 -2.42 -22.73
CA LEU A 88 14.02 -3.40 -23.29
C LEU A 88 14.79 -2.78 -24.46
N PRO A 89 16.14 -2.75 -24.36
CA PRO A 89 16.92 -2.13 -25.43
C PRO A 89 17.35 -3.13 -26.51
N THR B 5 10.27 -4.31 -26.36
CA THR B 5 10.14 -2.86 -26.29
C THR B 5 10.06 -2.39 -24.84
N GLU B 6 9.27 -3.10 -24.04
CA GLU B 6 9.17 -2.83 -22.62
C GLU B 6 8.46 -3.98 -21.93
N VAL B 7 8.70 -4.11 -20.62
CA VAL B 7 8.13 -5.21 -19.85
C VAL B 7 7.68 -4.69 -18.50
N THR B 8 6.59 -5.26 -17.98
CA THR B 8 6.08 -4.93 -16.65
C THR B 8 6.34 -6.11 -15.73
N LEU B 9 6.96 -5.86 -14.58
CA LEU B 9 7.18 -6.92 -13.61
C LEU B 9 7.05 -6.43 -12.18
N LYS B 10 7.09 -7.39 -11.26
CA LYS B 10 6.99 -7.11 -9.83
C LYS B 10 8.26 -7.57 -9.14
N THR B 11 8.72 -6.78 -8.19
CA THR B 11 9.83 -7.18 -7.35
C THR B 11 9.36 -8.28 -6.41
N GLU B 12 10.30 -8.86 -5.67
CA GLU B 12 9.96 -9.72 -4.56
C GLU B 12 9.46 -8.83 -3.43
N VAL B 13 8.81 -9.43 -2.44
CA VAL B 13 8.47 -8.72 -1.22
C VAL B 13 9.71 -8.72 -0.32
N GLU B 14 10.22 -7.53 -0.04
CA GLU B 14 11.42 -7.37 0.79
C GLU B 14 11.30 -6.10 1.59
N ALA B 15 12.05 -6.03 2.70
CA ALA B 15 12.03 -4.86 3.56
C ALA B 15 13.28 -4.02 3.37
N GLY B 16 13.17 -2.72 3.61
CA GLY B 16 14.34 -1.86 3.69
C GLY B 16 14.85 -1.34 2.36
N ALA B 17 13.94 -1.02 1.45
CA ALA B 17 14.33 -0.46 0.16
C ALA B 17 14.98 0.91 0.33
N SER B 18 16.26 0.97 0.00
CA SER B 18 17.03 2.21 0.15
C SER B 18 18.24 2.16 -0.78
N GLY B 19 19.01 3.25 -0.82
CA GLY B 19 20.16 3.31 -1.71
C GLY B 19 19.75 3.58 -3.14
N TYR B 20 18.63 4.28 -3.32
CA TYR B 20 18.21 4.71 -4.64
C TYR B 20 17.52 6.04 -4.57
N SER B 21 17.32 6.66 -5.72
CA SER B 21 16.56 7.90 -5.82
C SER B 21 15.52 7.80 -6.92
N VAL B 22 14.57 8.74 -6.91
CA VAL B 22 13.55 8.80 -7.94
C VAL B 22 13.39 10.20 -8.48
N THR B 23 12.73 10.29 -9.63
CA THR B 23 12.48 11.56 -10.29
C THR B 23 11.12 11.51 -11.00
N GLY B 24 10.65 12.65 -11.47
CA GLY B 24 9.44 12.71 -12.29
C GLY B 24 8.23 13.14 -11.47
N GLY B 25 7.11 12.47 -11.72
CA GLY B 25 5.87 12.76 -11.03
C GLY B 25 4.99 13.73 -11.80
N GLY B 26 3.82 14.00 -11.24
CA GLY B 26 2.87 14.89 -11.87
C GLY B 26 2.45 14.37 -13.23
N ASP B 27 2.70 15.17 -14.26
CA ASP B 27 2.33 14.79 -15.62
C ASP B 27 3.04 13.52 -16.03
N GLN B 28 4.24 13.33 -15.51
CA GLN B 28 5.04 12.13 -15.78
C GLN B 28 4.89 11.11 -14.65
N GLY B 29 5.42 9.92 -14.91
CA GLY B 29 5.46 8.87 -13.91
C GLY B 29 6.67 9.05 -13.02
N ILE B 30 6.82 8.13 -12.07
CA ILE B 30 7.95 8.12 -11.14
C ILE B 30 8.99 7.13 -11.64
N PHE B 31 10.22 7.62 -11.84
CA PHE B 31 11.31 6.79 -12.36
C PHE B 31 12.49 6.69 -11.40
N VAL B 32 13.16 5.54 -11.44
CA VAL B 32 14.33 5.29 -10.60
C VAL B 32 15.55 5.95 -11.25
N LYS B 33 16.25 6.79 -10.49
CA LYS B 33 17.23 7.71 -11.08
C LYS B 33 18.68 7.31 -10.86
N GLN B 34 19.01 6.83 -9.66
CA GLN B 34 20.36 6.34 -9.37
C GLN B 34 20.22 5.20 -8.40
N VAL B 35 20.94 4.11 -8.64
CA VAL B 35 20.90 2.96 -7.75
C VAL B 35 22.31 2.67 -7.26
N LEU B 36 22.50 2.76 -5.95
CA LEU B 36 23.80 2.46 -5.36
C LEU B 36 24.15 1.00 -5.59
N LYS B 37 25.39 0.77 -6.01
CA LYS B 37 25.88 -0.58 -6.26
C LYS B 37 25.59 -1.52 -5.10
N ASP B 38 25.98 -1.08 -3.91
CA ASP B 38 25.79 -1.87 -2.71
C ASP B 38 24.56 -1.36 -1.98
N SER B 39 23.41 -1.85 -2.40
CA SER B 39 22.13 -1.40 -1.84
C SER B 39 21.11 -2.52 -1.86
N SER B 40 20.13 -2.42 -0.97
CA SER B 40 18.99 -3.33 -0.98
C SER B 40 18.24 -3.16 -2.30
N ALA B 41 18.14 -1.91 -2.76
CA ALA B 41 17.47 -1.60 -4.02
C ALA B 41 18.02 -2.43 -5.18
N ALA B 42 19.35 -2.51 -5.27
CA ALA B 42 19.98 -3.31 -6.30
C ALA B 42 19.93 -4.80 -5.95
N LYS B 43 20.22 -5.14 -4.70
CA LYS B 43 20.42 -6.55 -4.32
C LYS B 43 19.12 -7.29 -4.01
N LEU B 44 18.18 -6.64 -3.35
CA LEU B 44 16.92 -7.30 -2.97
C LEU B 44 15.81 -7.03 -3.98
N PHE B 45 15.77 -5.81 -4.51
CA PHE B 45 14.67 -5.40 -5.37
C PHE B 45 15.02 -5.38 -6.86
N ASN B 46 16.31 -5.45 -7.17
CA ASN B 46 16.79 -5.44 -8.55
C ASN B 46 16.27 -4.22 -9.31
N LEU B 47 16.20 -3.09 -8.62
CA LEU B 47 15.85 -1.84 -9.27
C LEU B 47 16.99 -1.39 -10.17
N ARG B 48 16.64 -0.78 -11.30
CA ARG B 48 17.64 -0.26 -12.24
C ARG B 48 17.29 1.17 -12.63
N GLU B 49 18.33 1.96 -12.89
CA GLU B 49 18.17 3.27 -13.51
C GLU B 49 17.22 3.21 -14.69
N GLY B 50 16.25 4.13 -14.69
CA GLY B 50 15.25 4.19 -15.74
C GLY B 50 13.97 3.40 -15.49
N ASP B 51 13.97 2.49 -14.53
CA ASP B 51 12.73 1.78 -14.19
C ASP B 51 11.67 2.77 -13.78
N GLN B 52 10.47 2.58 -14.32
CA GLN B 52 9.32 3.33 -13.83
C GLN B 52 8.69 2.58 -12.67
N LEU B 53 8.47 3.27 -11.57
CA LEU B 53 7.72 2.70 -10.47
C LEU B 53 6.24 2.92 -10.73
N LEU B 54 5.55 1.88 -11.20
CA LEU B 54 4.11 1.96 -11.46
C LEU B 54 3.30 2.02 -10.17
N SER B 55 3.74 1.24 -9.19
CA SER B 55 3.09 1.22 -7.88
C SER B 55 4.00 0.68 -6.80
N THR B 56 3.65 1.00 -5.56
CA THR B 56 4.30 0.39 -4.42
CA THR B 56 4.30 0.44 -4.39
C THR B 56 3.24 -0.17 -3.49
N THR B 57 3.46 -1.42 -3.07
CA THR B 57 2.58 -2.04 -2.10
C THR B 57 3.32 -2.04 -0.76
N VAL B 58 2.69 -1.48 0.28
CA VAL B 58 3.28 -1.47 1.61
C VAL B 58 2.51 -2.44 2.48
N PHE B 59 3.24 -3.37 3.10
CA PHE B 59 2.63 -4.35 3.98
C PHE B 59 2.64 -3.85 5.41
N PHE B 60 1.45 -3.77 5.99
CA PHE B 60 1.27 -3.25 7.34
C PHE B 60 1.48 -4.35 8.35
N GLU B 61 2.73 -4.82 8.37
CA GLU B 61 3.20 -5.89 9.23
C GLU B 61 4.34 -5.31 10.04
N ASN B 62 4.18 -5.27 11.36
CA ASN B 62 5.16 -4.66 12.25
C ASN B 62 5.48 -3.24 11.86
N ILE B 63 4.44 -2.49 11.49
CA ILE B 63 4.62 -1.11 11.08
C ILE B 63 4.25 -0.18 12.24
N LYS B 64 5.12 0.78 12.51
CA LYS B 64 4.82 1.84 13.48
C LYS B 64 3.52 2.52 13.07
N TYR B 65 2.63 2.69 14.03
CA TYR B 65 1.34 3.29 13.72
C TYR B 65 1.45 4.62 12.97
N GLU B 66 2.36 5.48 13.44
CA GLU B 66 2.49 6.81 12.87
C GLU B 66 2.98 6.78 11.41
N ASP B 67 3.82 5.80 11.08
CA ASP B 67 4.30 5.63 9.71
C ASP B 67 3.19 5.12 8.79
N ALA B 68 2.42 4.15 9.26
CA ALA B 68 1.26 3.67 8.50
C ALA B 68 0.27 4.80 8.23
N LEU B 69 -0.04 5.60 9.25
CA LEU B 69 -0.99 6.68 9.09
C LEU B 69 -0.47 7.72 8.09
N LYS B 70 0.82 8.05 8.16
CA LYS B 70 1.38 9.02 7.22
C LYS B 70 1.31 8.50 5.78
N ILE B 71 1.53 7.21 5.57
CA ILE B 71 1.39 6.63 4.24
C ILE B 71 -0.03 6.77 3.72
N LEU B 72 -1.00 6.50 4.57
CA LEU B 72 -2.41 6.63 4.20
C LEU B 72 -2.78 8.09 3.93
N GLN B 73 -2.18 9.00 4.67
CA GLN B 73 -2.47 10.43 4.48
C GLN B 73 -1.85 10.96 3.17
N TYR B 74 -0.59 10.62 2.90
CA TYR B 74 0.06 11.11 1.68
C TYR B 74 -0.55 10.46 0.44
N SER B 75 -1.05 9.24 0.60
CA SER B 75 -1.69 8.46 -0.46
CA SER B 75 -1.61 8.58 -0.57
C SER B 75 -3.06 8.99 -0.83
N GLU B 76 -3.65 9.76 0.09
CA GLU B 76 -5.07 10.09 0.01
C GLU B 76 -5.57 10.55 -1.38
N PRO B 77 -4.89 11.48 -2.05
CA PRO B 77 -5.48 11.98 -3.31
C PRO B 77 -5.46 10.97 -4.47
N TYR B 78 -4.79 9.85 -4.29
CA TYR B 78 -4.37 9.02 -5.40
C TYR B 78 -5.09 7.69 -5.48
N LYS B 79 -4.88 6.99 -6.60
CA LYS B 79 -5.39 5.64 -6.77
C LYS B 79 -4.70 4.68 -5.85
N VAL B 80 -5.51 3.95 -5.08
CA VAL B 80 -4.99 2.95 -4.16
C VAL B 80 -5.86 1.70 -4.17
N GLN B 81 -5.31 0.63 -3.61
CA GLN B 81 -6.05 -0.60 -3.45
C GLN B 81 -5.63 -1.24 -2.14
N PHE B 82 -6.61 -1.57 -1.30
CA PHE B 82 -6.33 -2.18 -0.01
C PHE B 82 -6.53 -3.67 -0.05
N LYS B 83 -5.68 -4.39 0.69
CA LYS B 83 -5.94 -5.77 1.05
C LYS B 83 -6.42 -5.77 2.49
N ILE B 84 -7.60 -6.33 2.71
CA ILE B 84 -8.28 -6.31 4.00
C ILE B 84 -8.51 -7.70 4.55
N ARG B 85 -8.39 -7.83 5.87
CA ARG B 85 -8.86 -9.03 6.58
C ARG B 85 -10.01 -8.63 7.50
N ARG B 86 -11.16 -9.22 7.24
CA ARG B 86 -12.41 -8.91 7.93
C ARG B 86 -12.94 -10.10 8.71
N GLN B 87 -13.22 -9.89 9.99
CA GLN B 87 -13.92 -10.90 10.78
C GLN B 87 -15.43 -10.76 10.50
N LEU B 88 -16.13 -11.87 10.33
CA LEU B 88 -17.54 -11.84 9.97
C LEU B 88 -18.41 -12.49 11.04
N PRO B 89 -19.68 -12.04 11.16
CA PRO B 89 -20.56 -12.50 12.25
C PRO B 89 -20.53 -14.02 12.42
N ALA B 90 -20.27 -14.40 13.67
CA ALA B 90 -20.02 -15.78 14.13
C ALA B 90 -21.05 -16.93 13.99
N PRO B 91 -22.23 -16.70 13.39
CA PRO B 91 -23.40 -17.07 14.21
C PRO B 91 -23.52 -18.54 14.65
N GLN B 92 -24.46 -18.75 15.57
CA GLN B 92 -24.79 -20.09 16.04
C GLN B 92 -26.01 -20.63 15.31
N ASP B 93 -25.77 -21.54 14.37
CA ASP B 93 -26.85 -22.25 13.69
C ASP B 93 -26.87 -23.70 14.16
N GLU B 94 -27.05 -23.88 15.46
CA GLU B 94 -27.27 -25.20 16.01
C GLU B 94 -28.55 -25.79 15.41
N GLU B 95 -28.49 -27.10 15.17
N GLU B 95 -28.55 -27.10 15.19
CA GLU B 95 -29.56 -27.85 14.53
CA GLU B 95 -29.76 -27.76 14.71
C GLU B 95 -29.90 -29.12 15.31
C GLU B 95 -29.94 -29.12 15.34
N TRP B 96 -29.04 -29.49 16.26
CA TRP B 96 -29.13 -30.78 16.94
C TRP B 96 -29.80 -30.72 18.29
N ALA B 97 -30.59 -31.74 18.57
CA ALA B 97 -31.12 -32.00 19.90
C ALA B 97 -30.45 -33.23 20.48
#